data_9N8Q
#
_entry.id   9N8Q
#
_cell.length_a   99.191
_cell.length_b   99.191
_cell.length_c   211.338
_cell.angle_alpha   90.000
_cell.angle_beta   90.000
_cell.angle_gamma   120.000
#
_symmetry.space_group_name_H-M   'P 61 2 2'
#
loop_
_entity.id
_entity.type
_entity.pdbx_description
1 polymer 'Trastuzumab Fab Heavy chain'
2 polymer 'Trastuzumab Fab Light chain'
3 non-polymer DI(HYDROXYETHYL)ETHER
4 water water
#
loop_
_entity_poly.entity_id
_entity_poly.type
_entity_poly.pdbx_seq_one_letter_code
_entity_poly.pdbx_strand_id
1 'polypeptide(L)'
;EVQLVESGGGLVQPGGSLRLSCAASGFNIKDTYIHWVRQAPGKGLEWVARIYPTNGYTRYADSVKGRFTISADTSKNTAY
LQMNSLRAEDTAVYYCSRWGGDGFYAMDYWGQGTLVTVSSASTKGPSVFPLAPSSKSTSGGTAKLGCLVKDYFAEPVTVS
WNSGALTSGVHTFPAVLQSSGLYSLSSVVTVPSSSLGTQTYICNVNHKPSNTKVDKKVEPKSCHHHHHH
;
H
2 'polypeptide(L)'
;DIQMTQSPSSLSASVGDRVTITCRASQDVNTAVAWYQQKPGKAPKLLIYSASFLYSGVPSRFSGSRSGTDFTLTISSLQP
EDFATYYCQQHYTTPPTFGQGTKVEIKRTVAAPSVDIFPPSDEQLKSGTASVVCLLNNFYPREAKVQWKVDNALQSGNSQ
ESVTEQDSKDSTYSLSSTLTLSKADYEKHKVYACEVTHQGLSSPVTKSFNRGEC
;
L
#
loop_
_chem_comp.id
_chem_comp.type
_chem_comp.name
_chem_comp.formula
PEG non-polymer DI(HYDROXYETHYL)ETHER 'C4 H10 O3'
#
# COMPACT_ATOMS: atom_id res chain seq x y z
N GLU A 1 14.42 -6.65 21.31
CA GLU A 1 14.26 -5.91 20.06
C GLU A 1 13.23 -4.79 20.28
N VAL A 2 13.53 -3.62 19.74
CA VAL A 2 12.68 -2.45 19.91
C VAL A 2 11.49 -2.58 18.99
N GLN A 3 10.29 -2.39 19.54
CA GLN A 3 9.08 -2.60 18.76
C GLN A 3 8.00 -1.62 19.22
N LEU A 4 7.23 -1.12 18.26
CA LEU A 4 6.11 -0.22 18.53
C LEU A 4 4.91 -0.83 17.84
N VAL A 5 3.91 -1.26 18.61
CA VAL A 5 2.77 -1.97 18.05
C VAL A 5 1.54 -1.11 18.25
N GLU A 6 0.88 -0.77 17.15
CA GLU A 6 -0.31 0.07 17.20
C GLU A 6 -1.59 -0.74 17.10
N SER A 7 -2.64 -0.20 17.70
CA SER A 7 -3.97 -0.76 17.56
C SER A 7 -4.97 0.34 17.81
N GLY A 8 -6.20 0.10 17.36
CA GLY A 8 -7.28 1.03 17.59
C GLY A 8 -7.83 1.67 16.34
N GLY A 9 -7.26 1.40 15.18
CA GLY A 9 -7.82 1.92 13.96
C GLY A 9 -9.17 1.29 13.64
N GLY A 10 -9.83 1.84 12.64
CA GLY A 10 -11.12 1.33 12.22
C GLY A 10 -11.92 2.41 11.52
N LEU A 11 -13.23 2.18 11.47
CA LEU A 11 -14.15 3.04 10.74
C LEU A 11 -14.86 3.96 11.73
N VAL A 12 -14.92 5.24 11.39
CA VAL A 12 -15.49 6.25 12.25
C VAL A 12 -16.41 7.13 11.41
N GLN A 13 -17.56 7.48 11.97
CA GLN A 13 -18.43 8.38 11.24
C GLN A 13 -17.89 9.81 11.30
N PRO A 14 -18.20 10.65 10.32
CA PRO A 14 -17.80 12.07 10.43
C PRO A 14 -18.30 12.66 11.74
N GLY A 15 -17.43 13.41 12.41
CA GLY A 15 -17.73 13.95 13.71
C GLY A 15 -17.39 13.06 14.89
N GLY A 16 -16.96 11.82 14.66
CA GLY A 16 -16.84 10.81 15.70
C GLY A 16 -15.47 10.76 16.38
N SER A 17 -15.33 9.77 17.24
CA SER A 17 -14.14 9.62 18.06
C SER A 17 -13.49 8.26 17.80
N LEU A 18 -12.19 8.21 18.03
CA LEU A 18 -11.42 6.98 17.93
C LEU A 18 -10.14 7.17 18.73
N ARG A 19 -9.72 6.14 19.46
CA ARG A 19 -8.52 6.22 20.29
C ARG A 19 -7.50 5.22 19.77
N LEU A 20 -6.39 5.73 19.26
CA LEU A 20 -5.31 4.84 18.86
C LEU A 20 -4.38 4.54 20.04
N SER A 21 -3.67 3.42 19.94
CA SER A 21 -2.64 3.03 20.91
C SER A 21 -1.38 2.71 20.16
N CYS A 22 -0.26 2.91 20.84
CA CYS A 22 1.07 2.61 20.33
C CYS A 22 1.83 2.00 21.50
N ALA A 23 1.88 0.66 21.53
CA ALA A 23 2.48 -0.09 22.61
C ALA A 23 3.92 -0.40 22.26
N ALA A 24 4.82 -0.10 23.19
CA ALA A 24 6.25 -0.20 22.96
C ALA A 24 6.83 -1.37 23.74
N SER A 25 7.74 -2.12 23.10
CA SER A 25 8.54 -3.09 23.82
C SER A 25 10.00 -2.90 23.47
N GLY A 26 10.87 -3.43 24.33
CA GLY A 26 12.30 -3.36 24.07
C GLY A 26 12.97 -2.08 24.50
N PHE A 27 12.25 -1.19 25.18
CA PHE A 27 12.79 0.07 25.69
C PHE A 27 11.71 0.73 26.53
N ASN A 28 12.03 1.92 27.04
CA ASN A 28 11.12 2.67 27.88
C ASN A 28 10.63 3.89 27.11
N ILE A 29 9.32 4.10 27.05
CA ILE A 29 8.86 5.32 26.41
C ILE A 29 9.25 6.55 27.24
N LYS A 30 9.43 6.37 28.56
CA LYS A 30 9.85 7.49 29.40
C LYS A 30 11.21 8.02 28.98
N ASP A 31 11.95 7.25 28.20
CA ASP A 31 13.30 7.55 27.74
C ASP A 31 13.35 8.44 26.49
N THR A 32 12.21 8.78 25.88
CA THR A 32 12.24 9.29 24.51
C THR A 32 10.99 10.14 24.26
N TYR A 33 10.85 10.63 23.03
CA TYR A 33 9.59 11.19 22.57
C TYR A 33 8.87 10.18 21.70
N ILE A 34 7.54 10.23 21.75
CA ILE A 34 6.69 9.41 20.90
C ILE A 34 5.90 10.35 20.00
N HIS A 35 5.89 10.06 18.70
CA HIS A 35 5.20 10.86 17.71
C HIS A 35 4.06 10.07 17.09
N TRP A 36 3.10 10.81 16.53
CA TRP A 36 2.12 10.24 15.60
C TRP A 36 2.31 10.95 14.26
N VAL A 37 2.40 10.18 13.22
CA VAL A 37 2.55 10.68 11.86
C VAL A 37 1.54 9.94 11.03
N ARG A 38 0.86 10.66 10.15
CA ARG A 38 -0.22 10.09 9.39
C ARG A 38 0.06 10.27 7.90
N GLN A 39 -0.54 9.40 7.09
CA GLN A 39 -0.41 9.47 5.64
C GLN A 39 -1.80 9.25 5.03
N ALA A 40 -2.40 10.36 4.58
CA ALA A 40 -3.65 10.29 3.86
C ALA A 40 -3.43 9.56 2.53
N PRO A 41 -4.49 8.93 1.97
CA PRO A 41 -4.35 8.09 0.77
C PRO A 41 -3.60 8.72 -0.40
N GLY A 42 -2.50 8.07 -0.80
CA GLY A 42 -1.70 8.56 -1.90
C GLY A 42 -1.03 9.91 -1.65
N LYS A 43 -0.94 10.33 -0.40
CA LYS A 43 -0.34 11.59 -0.03
C LYS A 43 0.96 11.34 0.75
N GLY A 44 1.58 12.42 1.19
CA GLY A 44 2.87 12.35 1.84
C GLY A 44 2.73 12.12 3.34
N LEU A 45 3.86 12.15 4.02
CA LEU A 45 3.83 12.03 5.47
C LEU A 45 3.46 13.37 6.08
N GLU A 46 2.70 13.33 7.17
CA GLU A 46 2.24 14.53 7.86
C GLU A 46 2.43 14.29 9.34
N TRP A 47 3.27 15.10 9.98
CA TRP A 47 3.42 14.97 11.42
C TRP A 47 2.11 15.36 12.09
N VAL A 48 1.78 14.67 13.18
CA VAL A 48 0.48 14.92 13.79
C VAL A 48 0.65 15.46 15.21
N ALA A 49 1.39 14.74 16.04
CA ALA A 49 1.52 15.13 17.43
C ALA A 49 2.73 14.44 18.01
N ARG A 50 3.24 15.00 19.12
CA ARG A 50 4.32 14.38 19.87
C ARG A 50 4.08 14.58 21.36
N ILE A 51 4.67 13.68 22.16
CA ILE A 51 4.60 13.72 23.62
C ILE A 51 5.93 13.27 24.20
N TYR A 52 6.28 13.83 25.35
CA TYR A 52 7.39 13.39 26.19
C TYR A 52 6.83 12.66 27.40
N PRO A 53 6.82 11.32 27.41
CA PRO A 53 5.99 10.61 28.40
C PRO A 53 6.41 10.85 29.83
N THR A 54 7.64 11.33 30.06
CA THR A 54 8.10 11.59 31.43
C THR A 54 7.36 12.76 32.07
N ASN A 55 6.98 13.77 31.29
CA ASN A 55 6.24 14.89 31.84
C ASN A 55 4.92 15.13 31.13
N GLY A 56 4.67 14.48 30.00
CA GLY A 56 3.45 14.73 29.28
C GLY A 56 3.44 16.05 28.55
N TYR A 57 4.60 16.63 28.24
CA TYR A 57 4.62 17.78 27.36
C TYR A 57 4.25 17.34 25.96
N THR A 58 3.27 18.02 25.36
CA THR A 58 2.68 17.60 24.11
C THR A 58 2.72 18.75 23.11
N ARG A 59 2.87 18.42 21.84
CA ARG A 59 2.79 19.40 20.77
C ARG A 59 1.89 18.85 19.68
N TYR A 60 1.27 19.76 18.93
CA TYR A 60 0.26 19.36 17.95
C TYR A 60 0.42 20.15 16.67
N ALA A 61 0.30 19.45 15.55
CA ALA A 61 0.04 20.13 14.30
C ALA A 61 -1.29 20.88 14.38
N ASP A 62 -1.34 22.04 13.72
CA ASP A 62 -2.49 22.92 13.91
C ASP A 62 -3.77 22.33 13.35
N SER A 63 -3.67 21.50 12.33
CA SER A 63 -4.85 20.94 11.67
C SER A 63 -5.59 19.94 12.54
N VAL A 64 -4.97 19.46 13.61
CA VAL A 64 -5.62 18.59 14.58
C VAL A 64 -5.66 19.20 15.97
N LYS A 65 -5.09 20.40 16.15
CA LYS A 65 -5.09 21.04 17.45
C LYS A 65 -6.54 21.20 17.95
N GLY A 66 -6.75 20.88 19.22
CA GLY A 66 -8.09 20.98 19.80
C GLY A 66 -8.84 19.68 19.68
N ARG A 67 -8.84 19.09 18.48
CA ARG A 67 -9.59 17.87 18.22
C ARG A 67 -8.88 16.61 18.69
N PHE A 68 -7.54 16.62 18.72
CA PHE A 68 -6.76 15.44 19.05
C PHE A 68 -6.05 15.67 20.38
N THR A 69 -5.92 14.61 21.17
CA THR A 69 -5.12 14.67 22.38
C THR A 69 -4.13 13.52 22.38
N ILE A 70 -2.83 13.83 22.50
CA ILE A 70 -1.83 12.79 22.67
C ILE A 70 -1.62 12.60 24.16
N SER A 71 -1.26 11.38 24.56
CA SER A 71 -1.07 11.03 25.97
C SER A 71 -0.32 9.72 26.06
N ALA A 72 0.28 9.47 27.22
CA ALA A 72 1.00 8.24 27.44
C ALA A 72 0.75 7.72 28.85
N ASP A 73 0.95 6.42 29.02
CA ASP A 73 0.92 5.75 30.32
C ASP A 73 2.21 4.97 30.44
N THR A 74 3.05 5.32 31.42
CA THR A 74 4.37 4.73 31.47
C THR A 74 4.41 3.37 32.15
N SER A 75 3.30 2.95 32.77
CA SER A 75 3.21 1.62 33.36
C SER A 75 2.76 0.55 32.37
N LYS A 76 2.05 0.92 31.30
CA LYS A 76 1.81 0.02 30.19
C LYS A 76 2.81 0.21 29.06
N ASN A 77 3.73 1.16 29.22
CA ASN A 77 4.68 1.53 28.17
C ASN A 77 3.95 1.77 26.85
N THR A 78 2.85 2.50 26.92
CA THR A 78 2.00 2.72 25.77
C THR A 78 1.66 4.20 25.68
N ALA A 79 1.50 4.69 24.44
CA ALA A 79 1.01 6.04 24.20
C ALA A 79 -0.26 5.97 23.37
N TYR A 80 -1.05 7.04 23.44
CA TYR A 80 -2.40 7.09 22.89
C TYR A 80 -2.61 8.36 22.10
N LEU A 81 -3.44 8.25 21.05
CA LEU A 81 -3.94 9.41 20.32
C LEU A 81 -5.46 9.33 20.37
N GLN A 82 -6.07 10.09 21.25
CA GLN A 82 -7.51 10.24 21.27
C GLN A 82 -7.90 11.29 20.25
N MET A 83 -8.62 10.88 19.22
CA MET A 83 -9.14 11.80 18.20
C MET A 83 -10.64 11.97 18.39
N ASN A 84 -11.11 13.21 18.24
CA ASN A 84 -12.54 13.50 18.24
C ASN A 84 -12.85 14.44 17.08
N SER A 85 -14.14 14.55 16.76
CA SER A 85 -14.57 15.43 15.67
C SER A 85 -13.85 15.08 14.37
N LEU A 86 -13.65 13.80 14.12
CA LEU A 86 -12.94 13.38 12.92
C LEU A 86 -13.68 13.82 11.66
N ARG A 87 -12.96 14.44 10.73
CA ARG A 87 -13.49 14.80 9.42
C ARG A 87 -12.88 13.90 8.35
N ALA A 88 -13.42 13.99 7.13
CA ALA A 88 -13.01 13.06 6.06
C ALA A 88 -11.54 13.19 5.72
N GLU A 89 -10.98 14.40 5.81
CA GLU A 89 -9.59 14.57 5.49
C GLU A 89 -8.70 13.86 6.49
N ASP A 90 -9.20 13.55 7.69
CA ASP A 90 -8.38 12.85 8.65
C ASP A 90 -8.15 11.39 8.27
N THR A 91 -8.83 10.90 7.24
CA THR A 91 -8.66 9.53 6.82
C THR A 91 -7.23 9.31 6.38
N ALA A 92 -6.56 8.36 7.02
CA ALA A 92 -5.12 8.16 6.82
C ALA A 92 -4.69 6.89 7.56
N VAL A 93 -3.50 6.42 7.22
CA VAL A 93 -2.78 5.46 8.03
C VAL A 93 -2.02 6.24 9.10
N TYR A 94 -2.24 5.88 10.35
CA TYR A 94 -1.58 6.56 11.47
C TYR A 94 -0.44 5.68 11.95
N TYR A 95 0.79 6.19 11.84
CA TYR A 95 1.96 5.59 12.43
C TYR A 95 2.33 6.32 13.71
N CYS A 96 2.89 5.57 14.65
CA CYS A 96 3.63 6.16 15.74
C CYS A 96 5.10 5.90 15.52
N SER A 97 5.94 6.68 16.19
CA SER A 97 7.37 6.45 16.14
C SER A 97 7.98 7.02 17.38
N ARG A 98 9.26 6.71 17.58
CA ARG A 98 9.99 7.23 18.71
C ARG A 98 11.09 8.14 18.19
N TRP A 99 11.33 9.19 18.94
CA TRP A 99 12.44 10.09 18.70
C TRP A 99 13.74 9.45 19.16
N GLY A 100 14.82 9.77 18.48
CA GLY A 100 16.08 9.17 18.83
C GLY A 100 16.61 9.73 20.13
N GLY A 101 15.94 9.41 21.24
CA GLY A 101 16.46 9.80 22.54
C GLY A 101 17.86 9.29 22.79
N ASP A 102 18.18 8.11 22.25
CA ASP A 102 19.52 7.54 22.33
C ASP A 102 20.25 7.80 21.01
N GLY A 103 21.18 8.75 21.02
CA GLY A 103 21.98 9.05 19.85
C GLY A 103 21.28 9.81 18.74
N PHE A 104 21.13 9.15 17.59
CA PHE A 104 20.56 9.71 16.37
C PHE A 104 19.25 10.47 16.63
N TYR A 105 19.25 11.78 16.41
CA TYR A 105 18.08 12.59 16.79
C TYR A 105 16.99 12.52 15.71
N ALA A 106 16.58 11.29 15.40
CA ALA A 106 15.68 11.02 14.30
C ALA A 106 14.69 9.94 14.70
N MET A 107 13.68 9.75 13.83
CA MET A 107 12.63 8.74 14.00
C MET A 107 13.16 7.39 13.49
N ASP A 108 13.70 6.58 14.40
CA ASP A 108 14.42 5.37 14.02
C ASP A 108 13.55 4.11 14.06
N TYR A 109 12.60 3.99 14.97
CA TYR A 109 11.64 2.92 14.89
C TYR A 109 10.23 3.47 14.72
N TRP A 110 9.38 2.67 14.09
CA TRP A 110 8.02 3.02 13.73
C TRP A 110 7.08 1.86 14.02
N GLY A 111 5.83 2.19 14.30
CA GLY A 111 4.80 1.17 14.29
C GLY A 111 4.48 0.76 12.87
N GLN A 112 3.69 -0.30 12.76
CA GLN A 112 3.26 -0.78 11.45
C GLN A 112 2.19 0.12 10.82
N GLY A 113 1.57 0.99 11.62
CA GLY A 113 0.51 1.86 11.13
C GLY A 113 -0.85 1.23 11.29
N THR A 114 -1.87 2.07 11.43
CA THR A 114 -3.24 1.57 11.56
C THR A 114 -4.16 2.45 10.73
N LEU A 115 -5.01 1.82 9.92
CA LEU A 115 -5.88 2.60 9.05
C LEU A 115 -7.06 3.15 9.83
N VAL A 116 -7.34 4.44 9.59
CA VAL A 116 -8.51 5.15 10.12
C VAL A 116 -9.29 5.65 8.91
N THR A 117 -10.58 5.31 8.84
CA THR A 117 -11.44 5.65 7.70
C THR A 117 -12.62 6.43 8.21
N VAL A 118 -12.69 7.72 7.87
CA VAL A 118 -13.82 8.55 8.26
C VAL A 118 -14.80 8.55 7.08
N SER A 119 -15.95 7.88 7.26
CA SER A 119 -16.94 7.75 6.19
C SER A 119 -18.29 7.36 6.79
N SER A 120 -19.34 7.86 6.14
CA SER A 120 -20.71 7.58 6.60
C SER A 120 -21.11 6.13 6.36
N ALA A 121 -20.52 5.48 5.37
CA ALA A 121 -20.86 4.11 5.05
C ALA A 121 -20.62 3.18 6.24
N SER A 122 -21.29 2.03 6.20
CA SER A 122 -21.28 1.06 7.29
C SER A 122 -20.39 -0.13 6.95
N THR A 123 -20.00 -0.86 7.98
CA THR A 123 -19.21 -2.06 7.77
C THR A 123 -19.97 -3.07 6.92
N LYS A 124 -19.24 -3.84 6.13
CA LYS A 124 -19.79 -4.98 5.42
C LYS A 124 -18.69 -5.99 5.15
N GLY A 125 -18.92 -7.24 5.57
CA GLY A 125 -18.01 -8.31 5.29
C GLY A 125 -18.01 -8.67 3.82
N PRO A 126 -16.90 -9.21 3.34
CA PRO A 126 -16.83 -9.58 1.93
C PRO A 126 -17.39 -10.98 1.70
N SER A 127 -17.63 -11.27 0.44
CA SER A 127 -17.84 -12.63 -0.01
C SER A 127 -16.62 -13.04 -0.85
N VAL A 128 -16.21 -14.29 -0.66
CA VAL A 128 -14.96 -14.81 -1.22
C VAL A 128 -15.32 -15.89 -2.23
N PHE A 129 -14.88 -15.69 -3.47
CA PHE A 129 -15.34 -16.42 -4.65
C PHE A 129 -14.11 -16.94 -5.40
N PRO A 130 -14.00 -18.24 -5.65
CA PRO A 130 -12.78 -18.76 -6.29
C PRO A 130 -12.62 -18.22 -7.70
N LEU A 131 -11.36 -18.01 -8.10
CA LEU A 131 -11.01 -17.74 -9.49
C LEU A 131 -10.52 -19.05 -10.10
N ALA A 132 -11.35 -19.64 -10.96
CA ALA A 132 -11.21 -21.03 -11.38
C ALA A 132 -9.96 -21.25 -12.22
N PRO A 133 -9.05 -22.15 -11.82
CA PRO A 133 -7.86 -22.42 -12.64
C PRO A 133 -8.19 -23.15 -13.93
N SER A 134 -8.56 -22.39 -14.96
CA SER A 134 -8.83 -22.97 -16.27
C SER A 134 -7.55 -23.53 -16.90
N GLY A 140 1.89 -28.72 -21.87
CA GLY A 140 1.69 -28.23 -20.52
C GLY A 140 2.71 -27.17 -20.15
N GLY A 141 2.22 -25.97 -19.82
CA GLY A 141 3.07 -24.81 -19.53
C GLY A 141 3.03 -24.33 -18.09
N THR A 142 2.21 -23.32 -17.82
CA THR A 142 1.96 -22.84 -16.47
C THR A 142 0.48 -22.44 -16.36
N ALA A 143 -0.05 -22.43 -15.14
CA ALA A 143 -1.45 -22.07 -14.90
C ALA A 143 -1.57 -21.13 -13.69
N LYS A 144 -2.68 -20.37 -13.64
CA LYS A 144 -2.89 -19.41 -12.56
C LYS A 144 -4.31 -19.50 -12.01
N LEU A 145 -4.45 -19.32 -10.69
CA LEU A 145 -5.71 -19.44 -9.98
C LEU A 145 -5.76 -18.46 -8.81
N GLY A 146 -6.96 -17.96 -8.48
CA GLY A 146 -7.09 -16.93 -7.47
C GLY A 146 -8.36 -16.99 -6.65
N CYS A 147 -8.46 -16.02 -5.74
CA CYS A 147 -9.63 -15.78 -4.89
C CYS A 147 -10.10 -14.35 -5.11
N LEU A 148 -11.38 -14.17 -5.37
CA LEU A 148 -11.96 -12.85 -5.56
C LEU A 148 -12.68 -12.45 -4.28
N VAL A 149 -12.18 -11.41 -3.62
CA VAL A 149 -12.78 -10.88 -2.40
C VAL A 149 -13.64 -9.69 -2.79
N LYS A 150 -14.94 -9.72 -2.47
CA LYS A 150 -15.88 -8.76 -3.06
C LYS A 150 -16.81 -8.10 -2.05
N ASP A 151 -17.08 -6.82 -2.28
CA ASP A 151 -18.14 -6.04 -1.65
C ASP A 151 -17.98 -5.97 -0.13
N TYR A 152 -16.94 -5.25 0.30
CA TYR A 152 -16.70 -5.08 1.72
C TYR A 152 -16.37 -3.62 2.05
N PHE A 153 -16.33 -3.35 3.35
CA PHE A 153 -16.06 -2.02 3.85
C PHE A 153 -15.91 -2.12 5.37
N ALA A 154 -14.95 -1.38 5.91
CA ALA A 154 -13.94 -0.59 5.21
C ALA A 154 -12.71 -1.45 4.93
N GLU A 155 -11.64 -0.83 4.47
CA GLU A 155 -10.37 -1.54 4.39
C GLU A 155 -9.80 -1.75 5.79
N PRO A 156 -8.90 -2.73 5.95
CA PRO A 156 -8.32 -3.66 4.98
C PRO A 156 -8.78 -5.13 5.06
N VAL A 157 -8.44 -5.92 4.05
CA VAL A 157 -8.53 -7.37 4.11
C VAL A 157 -7.13 -7.95 3.93
N THR A 158 -6.77 -8.89 4.79
CA THR A 158 -5.56 -9.67 4.61
C THR A 158 -5.96 -11.03 4.04
N VAL A 159 -5.26 -11.46 3.00
CA VAL A 159 -5.44 -12.77 2.43
C VAL A 159 -4.08 -13.44 2.35
N SER A 160 -4.01 -14.70 2.78
CA SER A 160 -2.86 -15.57 2.61
C SER A 160 -3.30 -16.82 1.86
N TRP A 161 -2.34 -17.49 1.24
CA TRP A 161 -2.59 -18.72 0.51
C TRP A 161 -2.09 -19.92 1.30
N ASN A 162 -2.93 -20.95 1.42
CA ASN A 162 -2.60 -22.18 2.12
C ASN A 162 -2.10 -21.87 3.52
N SER A 163 -2.87 -21.05 4.23
CA SER A 163 -2.60 -20.68 5.62
C SER A 163 -1.23 -20.02 5.77
N GLY A 164 -0.77 -19.39 4.69
CA GLY A 164 0.48 -18.68 4.66
C GLY A 164 1.64 -19.42 4.02
N ALA A 165 1.50 -20.73 3.80
CA ALA A 165 2.63 -21.53 3.33
C ALA A 165 3.12 -21.07 1.96
N LEU A 166 2.19 -20.76 1.05
CA LEU A 166 2.54 -20.33 -0.30
C LEU A 166 2.73 -18.82 -0.32
N THR A 167 3.85 -18.37 -0.89
CA THR A 167 4.15 -16.94 -0.96
C THR A 167 4.64 -16.50 -2.34
N SER A 168 5.28 -17.40 -3.07
CA SER A 168 5.81 -17.03 -4.37
C SER A 168 4.67 -16.95 -5.38
N GLY A 169 4.86 -16.12 -6.41
CA GLY A 169 3.87 -16.00 -7.47
C GLY A 169 2.51 -15.47 -7.04
N VAL A 170 2.39 -15.14 -5.75
CA VAL A 170 1.19 -14.47 -5.26
C VAL A 170 1.19 -13.03 -5.76
N HIS A 171 0.00 -12.54 -6.12
CA HIS A 171 -0.19 -11.15 -6.55
C HIS A 171 -1.55 -10.73 -5.97
N THR A 172 -1.52 -10.07 -4.82
CA THR A 172 -2.74 -9.55 -4.19
C THR A 172 -2.91 -8.10 -4.60
N PHE A 173 -3.96 -7.83 -5.37
CA PHE A 173 -4.06 -6.51 -5.97
C PHE A 173 -4.55 -5.47 -4.97
N PRO A 174 -4.17 -4.21 -5.17
CA PRO A 174 -4.71 -3.15 -4.30
C PRO A 174 -6.23 -3.12 -4.38
N ALA A 175 -6.87 -2.87 -3.25
CA ALA A 175 -8.32 -2.80 -3.25
C ALA A 175 -8.77 -1.62 -4.10
N VAL A 176 -9.82 -1.83 -4.89
CA VAL A 176 -10.40 -0.80 -5.72
C VAL A 176 -11.84 -0.56 -5.25
N LEU A 177 -12.24 0.70 -5.23
CA LEU A 177 -13.57 1.10 -4.74
C LEU A 177 -14.56 1.13 -5.91
N GLN A 178 -15.64 0.34 -5.80
CA GLN A 178 -16.63 0.27 -6.87
C GLN A 178 -17.70 1.33 -6.68
N SER A 179 -18.48 1.55 -7.74
CA SER A 179 -19.49 2.61 -7.74
C SER A 179 -20.47 2.47 -6.60
N SER A 180 -20.69 1.25 -6.11
CA SER A 180 -21.57 1.00 -4.98
C SER A 180 -21.05 1.60 -3.67
N GLY A 181 -19.74 1.83 -3.57
CA GLY A 181 -19.16 2.26 -2.32
C GLY A 181 -18.53 1.16 -1.51
N LEU A 182 -18.41 -0.05 -2.06
CA LEU A 182 -17.73 -1.14 -1.39
C LEU A 182 -16.49 -1.51 -2.19
N TYR A 183 -15.46 -1.95 -1.47
CA TYR A 183 -14.22 -2.33 -2.10
C TYR A 183 -14.33 -3.72 -2.67
N SER A 184 -13.52 -4.00 -3.70
CA SER A 184 -13.30 -5.33 -4.23
C SER A 184 -11.82 -5.50 -4.58
N LEU A 185 -11.31 -6.72 -4.39
CA LEU A 185 -9.99 -7.03 -4.91
C LEU A 185 -9.91 -8.51 -5.23
N SER A 186 -8.89 -8.86 -5.99
CA SER A 186 -8.60 -10.25 -6.31
C SER A 186 -7.16 -10.54 -5.89
N SER A 187 -6.92 -11.76 -5.41
CA SER A 187 -5.59 -12.24 -5.08
C SER A 187 -5.36 -13.50 -5.90
N VAL A 188 -4.28 -13.51 -6.67
CA VAL A 188 -4.06 -14.56 -7.66
C VAL A 188 -2.66 -15.13 -7.48
N VAL A 189 -2.51 -16.43 -7.75
CA VAL A 189 -1.22 -17.10 -7.66
C VAL A 189 -0.94 -17.80 -8.98
N THR A 190 0.36 -17.96 -9.28
CA THR A 190 0.83 -18.72 -10.43
C THR A 190 1.42 -20.04 -9.94
N VAL A 191 1.02 -21.14 -10.59
CA VAL A 191 1.28 -22.49 -10.10
C VAL A 191 1.86 -23.37 -11.20
N PRO A 192 2.62 -24.40 -10.86
CA PRO A 192 3.01 -25.39 -11.87
C PRO A 192 1.83 -26.27 -12.28
N SER A 193 1.76 -26.58 -13.57
CA SER A 193 0.65 -27.38 -14.09
C SER A 193 0.61 -28.76 -13.44
N SER A 194 1.77 -29.39 -13.25
CA SER A 194 1.85 -30.74 -12.69
C SER A 194 1.32 -30.82 -11.26
N SER A 195 1.15 -29.69 -10.58
CA SER A 195 0.64 -29.64 -9.21
C SER A 195 -0.87 -29.63 -9.13
N LEU A 196 -1.57 -29.44 -10.25
CA LEU A 196 -3.02 -29.29 -10.23
C LEU A 196 -3.68 -30.58 -9.73
N GLY A 197 -4.58 -30.44 -8.76
CA GLY A 197 -5.22 -31.59 -8.17
C GLY A 197 -4.40 -32.22 -7.06
N THR A 198 -3.17 -32.66 -7.38
CA THR A 198 -2.28 -33.22 -6.37
C THR A 198 -2.04 -32.25 -5.23
N GLN A 199 -2.06 -30.95 -5.51
CA GLN A 199 -1.89 -29.92 -4.50
C GLN A 199 -3.17 -29.09 -4.46
N THR A 200 -3.75 -28.94 -3.27
CA THR A 200 -5.03 -28.25 -3.06
C THR A 200 -4.78 -26.88 -2.46
N TYR A 201 -5.48 -25.88 -2.99
CA TYR A 201 -5.16 -24.47 -2.76
C TYR A 201 -6.32 -23.74 -2.10
N ILE A 202 -6.02 -23.05 -1.00
CA ILE A 202 -7.00 -22.25 -0.27
C ILE A 202 -6.44 -20.85 -0.03
N CYS A 203 -7.34 -19.90 0.14
CA CYS A 203 -6.99 -18.54 0.52
C CYS A 203 -7.64 -18.23 1.85
N ASN A 204 -6.88 -17.59 2.74
CA ASN A 204 -7.39 -17.22 4.07
C ASN A 204 -7.70 -15.73 4.06
N VAL A 205 -8.87 -15.42 3.53
CA VAL A 205 -9.34 -14.04 3.55
C VAL A 205 -9.78 -13.67 4.96
N ASN A 206 -9.31 -12.53 5.44
CA ASN A 206 -9.62 -12.05 6.78
C ASN A 206 -10.03 -10.59 6.68
N HIS A 207 -11.18 -10.25 7.25
CA HIS A 207 -11.67 -8.87 7.28
C HIS A 207 -12.05 -8.58 8.72
N LYS A 208 -11.07 -8.18 9.52
CA LYS A 208 -11.27 -8.04 10.96
C LYS A 208 -12.46 -7.17 11.36
N PRO A 209 -12.76 -6.05 10.70
CA PRO A 209 -13.92 -5.25 11.14
C PRO A 209 -15.27 -5.96 11.06
N SER A 210 -15.38 -7.10 10.37
CA SER A 210 -16.65 -7.82 10.30
C SER A 210 -16.53 -9.26 10.78
N ASN A 211 -15.48 -9.61 11.52
CA ASN A 211 -15.28 -10.97 12.03
C ASN A 211 -15.30 -12.00 10.91
N THR A 212 -14.98 -11.56 9.70
CA THR A 212 -14.98 -12.41 8.52
C THR A 212 -13.62 -13.10 8.40
N LYS A 213 -13.58 -14.39 8.67
CA LYS A 213 -12.45 -15.26 8.33
C LYS A 213 -13.02 -16.35 7.44
N VAL A 214 -12.56 -16.40 6.20
CA VAL A 214 -13.06 -17.36 5.23
C VAL A 214 -11.87 -18.01 4.52
N ASP A 215 -11.89 -19.35 4.44
CA ASP A 215 -10.95 -20.11 3.63
C ASP A 215 -11.74 -20.78 2.52
N LYS A 216 -11.48 -20.40 1.28
CA LYS A 216 -12.20 -20.95 0.14
C LYS A 216 -11.23 -21.75 -0.72
N LYS A 217 -11.45 -23.06 -0.78
CA LYS A 217 -10.64 -23.92 -1.63
C LYS A 217 -10.87 -23.55 -3.09
N VAL A 218 -9.79 -23.57 -3.87
CA VAL A 218 -9.84 -23.30 -5.30
C VAL A 218 -9.36 -24.54 -6.03
N GLU A 219 -10.19 -25.07 -6.91
CA GLU A 219 -9.88 -26.26 -7.69
C GLU A 219 -10.41 -26.06 -9.09
N PRO A 220 -9.91 -26.84 -10.07
CA PRO A 220 -10.36 -26.76 -11.47
C PRO A 220 -11.88 -26.84 -11.65
N ASP B 1 6.88 28.08 10.26
CA ASP B 1 6.83 26.69 9.83
C ASP B 1 7.73 26.39 8.64
N ILE B 2 8.87 25.78 8.94
CA ILE B 2 9.86 25.45 7.92
C ILE B 2 9.26 24.47 6.93
N GLN B 3 9.42 24.76 5.64
CA GLN B 3 8.94 23.90 4.57
C GLN B 3 10.12 23.21 3.89
N MET B 4 9.99 21.92 3.67
CA MET B 4 10.97 21.14 2.93
C MET B 4 10.41 20.92 1.53
N THR B 5 11.03 21.57 0.54
CA THR B 5 10.59 21.52 -0.85
C THR B 5 11.43 20.45 -1.55
N GLN B 6 10.81 19.32 -1.87
CA GLN B 6 11.51 18.14 -2.38
C GLN B 6 11.24 18.03 -3.88
N SER B 7 12.28 17.65 -4.62
CA SER B 7 12.16 17.46 -6.07
C SER B 7 13.10 16.37 -6.48
N PRO B 8 12.84 15.68 -7.61
CA PRO B 8 11.61 15.69 -8.40
C PRO B 8 10.52 14.96 -7.62
N SER B 9 9.24 15.15 -7.92
CA SER B 9 8.23 14.39 -7.19
C SER B 9 8.26 12.92 -7.56
N SER B 10 8.78 12.57 -8.74
CA SER B 10 8.96 11.18 -9.12
C SER B 10 10.01 11.10 -10.22
N LEU B 11 10.62 9.93 -10.34
CA LEU B 11 11.63 9.73 -11.37
C LEU B 11 11.71 8.25 -11.71
N SER B 12 12.22 7.98 -12.91
CA SER B 12 12.46 6.63 -13.42
C SER B 12 13.94 6.47 -13.72
N ALA B 13 14.55 5.40 -13.23
CA ALA B 13 15.98 5.20 -13.35
C ALA B 13 16.30 3.71 -13.49
N SER B 14 17.27 3.39 -14.35
CA SER B 14 17.67 2.00 -14.53
C SER B 14 18.47 1.50 -13.35
N VAL B 15 18.35 0.19 -13.12
CA VAL B 15 19.18 -0.47 -12.11
C VAL B 15 20.63 -0.17 -12.39
N GLY B 16 21.38 0.16 -11.34
CA GLY B 16 22.77 0.55 -11.47
C GLY B 16 23.02 2.05 -11.56
N ASP B 17 22.00 2.84 -11.88
CA ASP B 17 22.13 4.28 -12.05
C ASP B 17 22.41 5.00 -10.73
N ARG B 18 22.95 6.21 -10.88
CA ARG B 18 23.12 7.14 -9.78
C ARG B 18 21.90 8.03 -9.71
N VAL B 19 21.39 8.23 -8.49
CA VAL B 19 20.11 8.89 -8.28
C VAL B 19 20.29 9.90 -7.16
N THR B 20 19.91 11.16 -7.42
CA THR B 20 20.04 12.20 -6.42
C THR B 20 18.68 12.86 -6.24
N ILE B 21 18.27 13.00 -4.99
CA ILE B 21 17.01 13.62 -4.62
C ILE B 21 17.33 14.83 -3.75
N THR B 22 16.62 15.93 -3.97
CA THR B 22 16.95 17.22 -3.36
C THR B 22 15.85 17.69 -2.42
N CYS B 23 16.27 18.21 -1.26
N CYS B 23 16.27 18.18 -1.25
CA CYS B 23 15.36 18.82 -0.31
CA CYS B 23 15.37 18.84 -0.33
C CYS B 23 15.90 20.20 0.07
C CYS B 23 15.93 20.22 0.00
N ARG B 24 15.08 21.23 -0.08
CA ARG B 24 15.47 22.60 0.21
C ARG B 24 14.66 23.09 1.40
N ALA B 25 15.37 23.46 2.47
CA ALA B 25 14.74 24.04 3.65
C ALA B 25 14.46 25.52 3.40
N SER B 26 13.36 26.00 3.94
CA SER B 26 12.94 27.37 3.74
C SER B 26 13.65 28.34 4.70
N GLN B 27 14.41 27.81 5.64
CA GLN B 27 15.26 28.57 6.54
C GLN B 27 16.40 27.65 6.94
N ASP B 28 17.43 28.22 7.54
CA ASP B 28 18.53 27.40 8.01
C ASP B 28 18.01 26.34 8.98
N VAL B 29 18.37 25.09 8.73
CA VAL B 29 18.05 24.00 9.64
C VAL B 29 19.31 23.29 10.15
N ASN B 30 20.48 23.89 9.92
CA ASN B 30 21.75 23.31 10.41
C ASN B 30 21.81 21.92 9.79
N THR B 31 22.11 20.88 10.56
CA THR B 31 22.17 19.52 10.04
C THR B 31 20.96 18.67 10.41
N ALA B 32 19.86 19.28 10.85
CA ALA B 32 18.74 18.53 11.42
C ALA B 32 17.77 18.03 10.33
N VAL B 33 18.31 17.28 9.39
CA VAL B 33 17.53 16.72 8.29
C VAL B 33 17.69 15.21 8.31
N ALA B 34 16.58 14.51 8.21
CA ALA B 34 16.57 13.06 8.14
C ALA B 34 15.98 12.65 6.80
N TRP B 35 16.40 11.49 6.31
CA TRP B 35 15.89 10.91 5.07
C TRP B 35 15.32 9.52 5.33
N TYR B 36 14.13 9.24 4.77
CA TYR B 36 13.38 8.02 5.03
C TYR B 36 12.94 7.37 3.73
N GLN B 37 12.95 6.04 3.70
CA GLN B 37 12.46 5.24 2.58
C GLN B 37 11.20 4.48 2.98
N GLN B 38 10.13 4.64 2.20
CA GLN B 38 8.83 4.05 2.53
C GLN B 38 8.36 3.20 1.35
N LYS B 39 8.44 1.88 1.52
CA LYS B 39 7.79 0.99 0.57
C LYS B 39 6.28 1.15 0.73
N PRO B 40 5.50 1.05 -0.35
CA PRO B 40 4.06 1.30 -0.24
C PRO B 40 3.41 0.36 0.77
N GLY B 41 2.55 0.92 1.61
CA GLY B 41 1.96 0.16 2.69
C GLY B 41 3.00 -0.44 3.63
N LYS B 42 3.97 0.37 4.03
CA LYS B 42 4.93 -0.01 5.04
C LYS B 42 5.27 1.23 5.85
N ALA B 43 5.76 1.01 7.06
CA ALA B 43 6.29 2.11 7.84
C ALA B 43 7.55 2.64 7.16
N PRO B 44 7.77 3.95 7.18
CA PRO B 44 9.04 4.49 6.69
C PRO B 44 10.21 3.86 7.43
N LYS B 45 11.30 3.62 6.70
CA LYS B 45 12.58 3.25 7.30
C LYS B 45 13.56 4.43 7.26
N LEU B 46 14.30 4.61 8.35
CA LEU B 46 15.31 5.67 8.39
C LEU B 46 16.54 5.25 7.58
N LEU B 47 16.93 6.10 6.63
CA LEU B 47 18.18 5.89 5.90
C LEU B 47 19.32 6.73 6.47
N ILE B 48 19.11 8.04 6.63
CA ILE B 48 20.17 8.97 6.97
C ILE B 48 19.66 9.95 8.02
N TYR B 49 20.49 10.20 9.05
CA TYR B 49 20.20 11.15 10.11
C TYR B 49 21.30 12.21 10.16
N SER B 50 20.94 13.38 10.68
CA SER B 50 21.90 14.50 10.80
C SER B 50 22.53 14.80 9.43
N ALA B 51 21.71 14.70 8.40
CA ALA B 51 21.94 15.16 7.04
C ALA B 51 22.97 14.32 6.28
N SER B 52 23.86 13.62 6.99
CA SER B 52 24.93 12.95 6.25
C SER B 52 25.37 11.62 6.84
N PHE B 53 24.67 11.10 7.85
CA PHE B 53 25.14 9.92 8.57
C PHE B 53 24.30 8.70 8.24
N LEU B 54 24.97 7.63 7.84
CA LEU B 54 24.31 6.39 7.50
C LEU B 54 23.78 5.73 8.74
N TYR B 55 22.46 5.60 8.84
CA TYR B 55 21.91 4.85 9.96
C TYR B 55 22.39 3.42 9.87
N SER B 56 22.64 2.80 11.03
CA SER B 56 23.17 1.45 11.06
C SER B 56 22.23 0.47 10.37
N GLY B 57 22.79 -0.36 9.50
CA GLY B 57 22.05 -1.37 8.77
C GLY B 57 21.64 -0.96 7.37
N VAL B 58 21.58 0.33 7.09
CA VAL B 58 21.28 0.80 5.73
C VAL B 58 22.46 0.49 4.83
N PRO B 59 22.24 -0.04 3.61
CA PRO B 59 23.34 -0.27 2.67
C PRO B 59 24.20 0.97 2.45
N SER B 60 25.42 0.78 1.94
CA SER B 60 26.36 1.90 1.78
C SER B 60 26.07 2.73 0.53
N ARG B 61 25.22 2.25 -0.39
CA ARG B 61 24.89 2.98 -1.60
C ARG B 61 24.01 4.21 -1.33
N PHE B 62 23.47 4.35 -0.12
CA PHE B 62 22.76 5.53 0.32
C PHE B 62 23.74 6.52 0.98
N SER B 63 23.61 7.79 0.64
CA SER B 63 24.39 8.82 1.32
C SER B 63 23.61 10.12 1.29
N GLY B 64 23.90 10.98 2.27
CA GLY B 64 23.26 12.28 2.37
C GLY B 64 24.30 13.37 2.45
N SER B 65 23.93 14.54 1.95
CA SER B 65 24.86 15.64 1.78
C SER B 65 24.17 16.97 2.05
N ARG B 66 24.93 17.95 2.54
CA ARG B 66 24.36 19.26 2.82
C ARG B 66 25.19 20.36 2.18
N SER B 67 24.50 21.32 1.55
CA SER B 67 25.08 22.55 1.05
C SER B 67 24.16 23.66 1.54
N GLY B 68 24.46 24.20 2.71
CA GLY B 68 23.61 25.23 3.26
C GLY B 68 22.22 24.73 3.59
N THR B 69 21.21 25.23 2.87
CA THR B 69 19.83 24.85 3.09
C THR B 69 19.38 23.79 2.10
N ASP B 70 20.31 23.22 1.32
CA ASP B 70 20.02 22.26 0.28
C ASP B 70 20.53 20.89 0.69
N PHE B 71 19.64 19.91 0.73
CA PHE B 71 19.98 18.58 1.20
C PHE B 71 19.77 17.64 0.04
N THR B 72 20.69 16.71 -0.11
CA THR B 72 20.68 15.77 -1.21
C THR B 72 20.84 14.37 -0.64
N LEU B 73 19.93 13.48 -1.03
CA LEU B 73 20.07 12.05 -0.82
C LEU B 73 20.57 11.44 -2.11
N THR B 74 21.58 10.60 -2.01
CA THR B 74 22.14 9.95 -3.18
C THR B 74 22.04 8.44 -3.01
N ILE B 75 21.70 7.76 -4.09
CA ILE B 75 21.82 6.32 -4.24
C ILE B 75 22.81 6.10 -5.37
N SER B 76 23.99 5.54 -5.05
CA SER B 76 25.10 5.55 -6.00
C SER B 76 24.88 4.57 -7.14
N SER B 77 24.46 3.34 -6.84
CA SER B 77 23.98 2.42 -7.85
C SER B 77 22.59 1.93 -7.43
N LEU B 78 21.60 2.10 -8.30
CA LEU B 78 20.23 1.75 -7.96
C LEU B 78 20.01 0.23 -8.05
N GLN B 79 19.34 -0.31 -7.04
CA GLN B 79 18.87 -1.67 -6.95
C GLN B 79 17.35 -1.73 -7.07
N PRO B 80 16.80 -2.84 -7.60
CA PRO B 80 15.36 -2.92 -7.80
C PRO B 80 14.57 -2.80 -6.53
N GLU B 81 15.09 -3.30 -5.41
CA GLU B 81 14.39 -3.17 -4.14
C GLU B 81 14.35 -1.73 -3.62
N ASP B 82 15.07 -0.81 -4.25
CA ASP B 82 15.07 0.58 -3.84
C ASP B 82 13.85 1.33 -4.36
N PHE B 83 13.01 0.65 -5.14
CA PHE B 83 11.73 1.24 -5.51
C PHE B 83 10.95 1.57 -4.25
N ALA B 84 10.61 2.84 -4.07
CA ALA B 84 9.92 3.32 -2.90
C ALA B 84 9.69 4.81 -3.03
N THR B 85 9.00 5.41 -2.08
CA THR B 85 8.94 6.86 -1.99
C THR B 85 9.88 7.31 -0.88
N TYR B 86 10.74 8.27 -1.19
CA TYR B 86 11.76 8.77 -0.29
C TYR B 86 11.31 10.12 0.25
N TYR B 87 11.48 10.32 1.55
CA TYR B 87 11.06 11.56 2.21
C TYR B 87 12.22 12.19 2.98
N CYS B 88 12.34 13.51 2.90
N CYS B 88 12.38 13.49 2.88
CA CYS B 88 13.23 14.30 3.74
CA CYS B 88 13.26 14.16 3.83
C CYS B 88 12.44 14.92 4.87
C CYS B 88 12.42 14.81 4.90
N GLN B 89 13.00 14.93 6.07
CA GLN B 89 12.29 15.58 7.16
C GLN B 89 13.25 16.44 7.96
N GLN B 90 12.81 17.64 8.30
CA GLN B 90 13.62 18.50 9.14
C GLN B 90 13.06 18.47 10.54
N HIS B 91 13.97 18.52 11.53
CA HIS B 91 13.60 18.59 12.93
C HIS B 91 14.39 19.67 13.66
N TYR B 92 14.78 20.74 12.96
CA TYR B 92 15.40 21.89 13.63
C TYR B 92 14.45 22.47 14.65
N THR B 93 13.20 22.66 14.26
CA THR B 93 12.16 23.31 15.05
C THR B 93 10.92 22.44 15.05
N THR B 94 9.86 22.93 15.68
CA THR B 94 8.56 22.26 15.72
C THR B 94 7.53 23.10 14.97
N PRO B 95 6.73 22.54 14.07
CA PRO B 95 6.56 21.11 13.74
C PRO B 95 7.58 20.50 12.79
N PRO B 96 8.15 19.35 13.10
CA PRO B 96 9.00 18.68 12.10
C PRO B 96 8.18 18.46 10.85
N THR B 97 8.80 18.66 9.69
CA THR B 97 8.01 18.73 8.47
C THR B 97 8.71 17.95 7.38
N PHE B 98 7.91 17.32 6.52
CA PHE B 98 8.43 16.44 5.49
C PHE B 98 8.39 17.16 4.15
N GLY B 99 9.34 16.82 3.30
CA GLY B 99 9.10 17.05 1.90
C GLY B 99 7.94 16.20 1.40
N GLN B 100 7.46 16.57 0.22
CA GLN B 100 6.32 15.88 -0.37
C GLN B 100 6.73 14.55 -1.01
N GLY B 101 7.96 14.11 -0.80
CA GLY B 101 8.36 12.76 -1.18
C GLY B 101 8.75 12.66 -2.63
N THR B 102 9.68 11.73 -2.91
CA THR B 102 10.06 11.39 -4.27
C THR B 102 9.81 9.90 -4.55
N LYS B 103 8.95 9.62 -5.53
CA LYS B 103 8.66 8.23 -5.88
C LYS B 103 9.64 7.72 -6.93
N VAL B 104 10.39 6.68 -6.60
CA VAL B 104 11.47 6.19 -7.45
C VAL B 104 11.02 4.89 -8.11
N GLU B 105 10.80 4.94 -9.42
CA GLU B 105 10.49 3.78 -10.22
C GLU B 105 11.76 3.25 -10.88
N ILE B 106 11.88 1.93 -10.98
CA ILE B 106 13.00 1.30 -11.69
C ILE B 106 12.63 1.15 -13.16
N LYS B 107 13.50 1.68 -14.02
CA LYS B 107 13.32 1.52 -15.46
C LYS B 107 13.98 0.20 -15.89
N ARG B 108 13.23 -0.63 -16.60
CA ARG B 108 13.74 -1.93 -17.00
C ARG B 108 13.34 -2.19 -18.45
N THR B 109 13.74 -3.35 -18.95
CA THR B 109 13.51 -3.68 -20.34
C THR B 109 12.03 -4.00 -20.55
N VAL B 110 11.61 -3.91 -21.81
CA VAL B 110 10.22 -4.15 -22.17
C VAL B 110 9.88 -5.61 -21.92
N ALA B 111 8.79 -5.85 -21.19
CA ALA B 111 8.33 -7.21 -20.91
C ALA B 111 6.85 -7.25 -21.22
N ALA B 112 6.47 -8.17 -22.10
CA ALA B 112 5.09 -8.25 -22.57
C ALA B 112 4.22 -8.95 -21.53
N PRO B 113 2.99 -8.50 -21.36
CA PRO B 113 2.05 -9.21 -20.47
C PRO B 113 1.73 -10.61 -20.94
N SER B 114 1.58 -11.51 -19.98
CA SER B 114 0.86 -12.76 -20.16
C SER B 114 -0.55 -12.57 -19.61
N VAL B 115 -1.55 -12.69 -20.47
CA VAL B 115 -2.92 -12.26 -20.16
C VAL B 115 -3.83 -13.49 -20.08
N ASP B 116 -4.61 -13.58 -19.01
CA ASP B 116 -5.53 -14.67 -18.75
C ASP B 116 -6.92 -14.10 -18.48
N ILE B 117 -7.96 -14.92 -18.73
CA ILE B 117 -9.34 -14.50 -18.51
C ILE B 117 -10.03 -15.52 -17.61
N PHE B 118 -10.81 -15.03 -16.64
CA PHE B 118 -11.48 -15.84 -15.64
C PHE B 118 -12.98 -15.62 -15.72
N PRO B 119 -13.78 -16.68 -15.84
CA PRO B 119 -15.21 -16.53 -15.80
C PRO B 119 -15.71 -16.37 -14.37
N PRO B 120 -16.92 -15.86 -14.18
CA PRO B 120 -17.47 -15.77 -12.82
C PRO B 120 -17.59 -17.16 -12.20
N SER B 121 -17.39 -17.22 -10.88
CA SER B 121 -17.55 -18.47 -10.16
C SER B 121 -19.03 -18.76 -9.89
N ASP B 122 -19.35 -20.05 -9.72
CA ASP B 122 -20.74 -20.45 -9.59
C ASP B 122 -21.41 -19.87 -8.35
N GLU B 123 -20.66 -19.74 -7.25
CA GLU B 123 -21.19 -19.11 -6.06
C GLU B 123 -21.52 -17.64 -6.32
N GLN B 124 -20.79 -16.99 -7.24
CA GLN B 124 -21.06 -15.59 -7.53
C GLN B 124 -22.39 -15.40 -8.24
N LEU B 125 -22.68 -16.24 -9.25
CA LEU B 125 -23.98 -16.08 -9.92
C LEU B 125 -25.14 -16.48 -9.01
N LYS B 126 -24.91 -17.41 -8.09
CA LYS B 126 -25.94 -17.72 -7.09
C LYS B 126 -26.38 -16.45 -6.36
N SER B 127 -25.42 -15.63 -5.92
CA SER B 127 -25.70 -14.40 -5.20
C SER B 127 -26.16 -13.25 -6.11
N GLY B 128 -26.15 -13.45 -7.42
CA GLY B 128 -26.78 -12.53 -8.35
C GLY B 128 -25.91 -11.49 -9.03
N THR B 129 -24.58 -11.68 -9.05
CA THR B 129 -23.67 -10.78 -9.74
C THR B 129 -22.65 -11.58 -10.54
N ALA B 130 -22.11 -10.98 -11.61
CA ALA B 130 -21.14 -11.64 -12.48
C ALA B 130 -19.86 -10.81 -12.60
N SER B 131 -18.73 -11.38 -12.21
CA SER B 131 -17.42 -10.71 -12.34
C SER B 131 -16.48 -11.53 -13.22
N VAL B 132 -16.20 -11.01 -14.40
CA VAL B 132 -15.18 -11.56 -15.30
C VAL B 132 -13.88 -10.83 -15.04
N VAL B 133 -12.80 -11.58 -14.88
CA VAL B 133 -11.55 -11.05 -14.37
C VAL B 133 -10.45 -11.34 -15.39
N CYS B 134 -9.86 -10.29 -15.95
CA CYS B 134 -8.79 -10.40 -16.93
C CYS B 134 -7.46 -10.00 -16.29
N LEU B 135 -6.45 -10.87 -16.42
CA LEU B 135 -5.22 -10.77 -15.65
C LEU B 135 -4.04 -10.61 -16.59
N LEU B 136 -3.38 -9.45 -16.52
CA LEU B 136 -2.14 -9.20 -17.24
C LEU B 136 -1.00 -9.37 -16.27
N ASN B 137 -0.01 -10.19 -16.60
CA ASN B 137 1.02 -10.56 -15.65
C ASN B 137 2.40 -10.13 -16.11
N ASN B 138 3.15 -9.58 -15.15
CA ASN B 138 4.60 -9.38 -15.22
C ASN B 138 5.04 -8.62 -16.47
N PHE B 139 4.46 -7.43 -16.65
CA PHE B 139 4.75 -6.62 -17.82
C PHE B 139 5.41 -5.30 -17.43
N TYR B 140 6.22 -4.78 -18.36
CA TYR B 140 6.85 -3.48 -18.21
C TYR B 140 6.96 -2.94 -19.62
N PRO B 141 6.62 -1.66 -19.84
CA PRO B 141 6.17 -0.65 -18.85
C PRO B 141 4.69 -0.73 -18.37
N ARG B 142 4.33 0.08 -17.36
CA ARG B 142 2.97 0.14 -16.82
C ARG B 142 1.91 0.41 -17.88
N GLU B 143 2.22 1.21 -18.89
CA GLU B 143 1.17 1.62 -19.81
C GLU B 143 0.62 0.40 -20.52
N ALA B 144 -0.69 0.28 -20.52
CA ALA B 144 -1.34 -0.89 -21.09
C ALA B 144 -2.80 -0.54 -21.34
N LYS B 145 -3.37 -1.18 -22.36
CA LYS B 145 -4.75 -0.94 -22.76
C LYS B 145 -5.49 -2.27 -22.68
N VAL B 146 -6.39 -2.39 -21.71
CA VAL B 146 -7.24 -3.59 -21.56
C VAL B 146 -8.62 -3.27 -22.10
N GLN B 147 -9.07 -4.05 -23.07
CA GLN B 147 -10.36 -3.83 -23.71
C GLN B 147 -11.26 -5.04 -23.56
N TRP B 148 -12.51 -4.78 -23.21
CA TRP B 148 -13.53 -5.80 -23.04
C TRP B 148 -14.45 -5.78 -24.24
N LYS B 149 -14.65 -6.94 -24.85
CA LYS B 149 -15.65 -7.13 -25.87
C LYS B 149 -16.59 -8.24 -25.42
N VAL B 150 -17.89 -8.00 -25.53
CA VAL B 150 -18.89 -9.03 -25.28
C VAL B 150 -19.71 -9.14 -26.56
N ASP B 151 -19.79 -10.36 -27.11
CA ASP B 151 -20.47 -10.60 -28.38
C ASP B 151 -19.88 -9.71 -29.47
N ASN B 152 -18.58 -9.40 -29.32
CA ASN B 152 -17.78 -8.54 -30.22
C ASN B 152 -18.19 -7.07 -30.14
N ALA B 153 -18.71 -6.63 -29.00
CA ALA B 153 -19.13 -5.25 -28.79
C ALA B 153 -18.26 -4.60 -27.72
N LEU B 154 -17.93 -3.33 -27.93
CA LEU B 154 -16.96 -2.64 -27.09
C LEU B 154 -17.63 -2.14 -25.81
N GLN B 155 -17.12 -2.59 -24.66
CA GLN B 155 -17.68 -2.21 -23.38
C GLN B 155 -17.09 -0.88 -22.91
N SER B 156 -17.85 -0.18 -22.07
CA SER B 156 -17.31 1.02 -21.43
C SER B 156 -18.12 1.34 -20.18
N GLY B 157 -17.44 1.54 -19.06
CA GLY B 157 -18.06 1.93 -17.81
C GLY B 157 -18.29 0.80 -16.84
N ASN B 158 -18.28 -0.46 -17.28
CA ASN B 158 -18.55 -1.60 -16.43
C ASN B 158 -17.29 -2.35 -15.97
N SER B 159 -16.11 -1.78 -16.19
CA SER B 159 -14.86 -2.45 -15.83
C SER B 159 -13.95 -1.51 -15.05
N GLN B 160 -12.98 -2.11 -14.35
CA GLN B 160 -12.12 -1.39 -13.42
C GLN B 160 -10.78 -2.10 -13.30
N GLU B 161 -9.68 -1.35 -13.41
CA GLU B 161 -8.35 -1.96 -13.36
C GLU B 161 -7.70 -1.80 -11.99
N SER B 162 -6.75 -2.70 -11.70
CA SER B 162 -5.94 -2.60 -10.49
C SER B 162 -4.52 -3.08 -10.79
N VAL B 163 -3.52 -2.29 -10.44
CA VAL B 163 -2.11 -2.56 -10.73
C VAL B 163 -1.35 -2.80 -9.43
N THR B 164 -0.56 -3.87 -9.39
CA THR B 164 0.34 -4.08 -8.26
C THR B 164 1.43 -3.02 -8.23
N GLU B 165 2.03 -2.86 -7.07
CA GLU B 165 3.26 -2.07 -7.00
C GLU B 165 4.34 -2.81 -7.79
N GLN B 166 5.36 -2.05 -8.22
CA GLN B 166 6.45 -2.63 -8.99
C GLN B 166 7.13 -3.74 -8.20
N ASP B 167 7.36 -4.88 -8.87
CA ASP B 167 7.96 -6.01 -8.20
C ASP B 167 9.40 -5.67 -7.83
N SER B 168 9.82 -6.10 -6.65
CA SER B 168 11.08 -5.65 -6.10
C SER B 168 12.27 -6.42 -6.66
N LYS B 169 12.04 -7.44 -7.50
CA LYS B 169 13.12 -8.18 -8.15
C LYS B 169 13.15 -7.99 -9.65
N ASP B 170 12.03 -8.21 -10.35
CA ASP B 170 11.99 -8.06 -11.80
C ASP B 170 11.39 -6.74 -12.25
N SER B 171 10.89 -5.90 -11.35
CA SER B 171 10.44 -4.54 -11.68
C SER B 171 9.30 -4.54 -12.70
N THR B 172 8.52 -5.60 -12.79
CA THR B 172 7.38 -5.62 -13.68
C THR B 172 6.13 -5.24 -12.92
N TYR B 173 5.08 -4.95 -13.67
CA TYR B 173 3.77 -4.68 -13.13
C TYR B 173 2.85 -5.87 -13.41
N SER B 174 1.79 -5.96 -12.62
CA SER B 174 0.69 -6.88 -12.89
C SER B 174 -0.62 -6.10 -12.74
N LEU B 175 -1.63 -6.50 -13.53
CA LEU B 175 -2.87 -5.74 -13.59
C LEU B 175 -4.06 -6.69 -13.73
N SER B 176 -5.13 -6.38 -13.00
CA SER B 176 -6.40 -7.08 -13.13
C SER B 176 -7.46 -6.11 -13.65
N SER B 177 -8.15 -6.51 -14.71
CA SER B 177 -9.31 -5.78 -15.22
C SER B 177 -10.54 -6.63 -14.96
N THR B 178 -11.48 -6.09 -14.18
CA THR B 178 -12.69 -6.78 -13.77
C THR B 178 -13.90 -6.15 -14.42
N LEU B 179 -14.66 -6.97 -15.16
CA LEU B 179 -15.95 -6.59 -15.72
C LEU B 179 -17.05 -6.96 -14.73
N THR B 180 -17.85 -5.98 -14.33
CA THR B 180 -18.96 -6.22 -13.41
C THR B 180 -20.27 -6.12 -14.19
N LEU B 181 -21.04 -7.21 -14.16
CA LEU B 181 -22.32 -7.32 -14.84
C LEU B 181 -23.35 -7.87 -13.86
N SER B 182 -24.62 -7.50 -14.06
CA SER B 182 -25.69 -8.21 -13.36
C SER B 182 -25.77 -9.64 -13.89
N LYS B 183 -26.18 -10.56 -13.01
CA LYS B 183 -26.27 -11.97 -13.42
C LYS B 183 -27.13 -12.12 -14.68
N ALA B 184 -28.26 -11.40 -14.73
CA ALA B 184 -29.10 -11.43 -15.93
C ALA B 184 -28.29 -11.04 -17.15
N ASP B 185 -27.58 -9.92 -17.08
CA ASP B 185 -26.81 -9.43 -18.22
C ASP B 185 -25.78 -10.46 -18.67
N TYR B 186 -24.97 -10.97 -17.74
CA TYR B 186 -23.99 -11.99 -18.09
C TYR B 186 -24.65 -13.18 -18.78
N GLU B 187 -25.88 -13.50 -18.38
CA GLU B 187 -26.60 -14.61 -18.96
C GLU B 187 -27.26 -14.25 -20.29
N LYS B 188 -27.10 -13.01 -20.76
CA LYS B 188 -27.71 -12.57 -22.01
C LYS B 188 -26.68 -12.30 -23.11
N HIS B 189 -25.42 -12.68 -22.88
CA HIS B 189 -24.37 -12.62 -23.90
C HIS B 189 -23.58 -13.92 -23.86
N LYS B 190 -22.96 -14.28 -25.00
CA LYS B 190 -22.23 -15.54 -25.13
C LYS B 190 -20.72 -15.38 -25.06
N VAL B 191 -20.14 -14.54 -25.93
CA VAL B 191 -18.69 -14.39 -26.05
C VAL B 191 -18.19 -13.37 -25.05
N TYR B 192 -17.12 -13.71 -24.33
CA TYR B 192 -16.50 -12.80 -23.36
C TYR B 192 -15.01 -12.70 -23.67
N ALA B 193 -14.58 -11.52 -24.11
CA ALA B 193 -13.23 -11.31 -24.65
C ALA B 193 -12.48 -10.24 -23.86
N CYS B 194 -11.17 -10.44 -23.72
CA CYS B 194 -10.27 -9.44 -23.16
C CYS B 194 -9.09 -9.28 -24.11
N GLU B 195 -8.93 -8.08 -24.66
CA GLU B 195 -7.88 -7.80 -25.65
C GLU B 195 -6.96 -6.70 -25.12
N VAL B 196 -5.66 -6.99 -25.07
CA VAL B 196 -4.68 -6.14 -24.39
C VAL B 196 -3.66 -5.62 -25.40
N THR B 197 -3.50 -4.31 -25.44
CA THR B 197 -2.48 -3.67 -26.27
C THR B 197 -1.34 -3.18 -25.38
N HIS B 198 -0.14 -3.68 -25.62
CA HIS B 198 1.03 -3.33 -24.83
C HIS B 198 2.25 -3.30 -25.75
N GLN B 199 3.22 -2.47 -25.38
CA GLN B 199 4.37 -2.23 -26.24
C GLN B 199 5.13 -3.52 -26.54
N GLY B 200 5.21 -4.43 -25.57
CA GLY B 200 5.88 -5.71 -25.77
C GLY B 200 5.12 -6.71 -26.60
N LEU B 201 3.87 -6.40 -26.95
CA LEU B 201 3.01 -7.22 -27.79
C LEU B 201 2.99 -6.67 -29.22
N SER B 202 3.34 -7.52 -30.19
CA SER B 202 3.33 -7.07 -31.58
C SER B 202 1.92 -6.80 -32.08
N SER B 203 0.99 -7.71 -31.80
CA SER B 203 -0.44 -7.50 -32.02
C SER B 203 -1.17 -7.69 -30.70
N PRO B 204 -2.28 -6.99 -30.48
CA PRO B 204 -3.02 -7.16 -29.23
C PRO B 204 -3.42 -8.61 -29.06
N VAL B 205 -3.19 -9.15 -27.89
CA VAL B 205 -3.58 -10.53 -27.60
C VAL B 205 -4.98 -10.49 -27.00
N THR B 206 -5.88 -11.27 -27.59
CA THR B 206 -7.25 -11.37 -27.09
C THR B 206 -7.46 -12.75 -26.50
N LYS B 207 -7.99 -12.80 -25.28
CA LYS B 207 -8.29 -14.07 -24.61
C LYS B 207 -9.78 -14.13 -24.30
N SER B 208 -10.44 -15.15 -24.83
CA SER B 208 -11.89 -15.24 -24.79
C SER B 208 -12.32 -16.50 -24.07
N PHE B 209 -13.55 -16.47 -23.55
CA PHE B 209 -14.24 -17.68 -23.14
C PHE B 209 -15.69 -17.57 -23.55
N ASN B 210 -16.35 -18.73 -23.59
CA ASN B 210 -17.73 -18.86 -24.03
C ASN B 210 -18.56 -19.40 -22.87
N ARG B 211 -19.58 -18.64 -22.49
CA ARG B 211 -20.30 -18.88 -21.24
C ARG B 211 -20.83 -20.31 -21.20
N GLY B 212 -20.68 -20.95 -20.04
CA GLY B 212 -21.23 -22.27 -19.81
C GLY B 212 -20.37 -23.43 -20.26
N GLU B 213 -19.36 -23.18 -21.08
CA GLU B 213 -18.45 -24.22 -21.52
C GLU B 213 -17.43 -24.50 -20.42
C1 PEG C . 6.99 -23.05 -16.10
O1 PEG C . 7.00 -24.30 -15.40
C2 PEG C . 7.10 -21.88 -15.17
O2 PEG C . 6.37 -22.12 -13.97
C3 PEG C . 7.15 -22.00 -12.77
C4 PEG C . 6.48 -21.04 -11.83
O4 PEG C . 6.07 -21.68 -10.62
C1 PEG D . 9.71 -17.26 -7.67
O1 PEG D . 10.97 -17.58 -8.28
C2 PEG D . 9.26 -15.87 -8.03
O2 PEG D . 7.86 -15.85 -8.34
C3 PEG D . 7.63 -15.89 -9.74
C4 PEG D . 6.86 -17.14 -10.08
O4 PEG D . 6.86 -17.39 -11.48
C1 PEG E . 12.55 -1.78 29.62
O1 PEG E . 11.46 -2.08 28.75
C2 PEG E . 13.79 -1.32 28.88
O2 PEG E . 14.61 -2.43 28.50
C3 PEG E . 13.93 -3.36 27.66
C4 PEG E . 14.89 -4.32 27.03
O4 PEG E . 14.26 -5.55 26.71
C1 PEG F . 18.42 -5.70 -12.43
O1 PEG F . 19.52 -5.49 -13.31
C2 PEG F . 18.85 -6.07 -11.04
O2 PEG F . 18.46 -7.41 -10.74
C3 PEG F . 18.29 -7.67 -9.36
C4 PEG F . 17.04 -8.49 -9.18
O4 PEG F . 17.10 -9.30 -8.02
#